data_8KDJ
#
_entry.id   8KDJ
#
_cell.length_a   1.00
_cell.length_b   1.00
_cell.length_c   1.00
_cell.angle_alpha   90.00
_cell.angle_beta   90.00
_cell.angle_gamma   90.00
#
_symmetry.space_group_name_H-M   'P 1'
#
loop_
_entity.id
_entity.type
_entity.pdbx_description
1 polymer '4F2 cell-surface antigen heavy chain'
2 polymer 'Large neutral amino acids transporter small subunit 1'
3 non-polymer CHOLESTEROL
4 non-polymer 1-palmitoyl-2-oleoyl-sn-glycero-3-phosphocholine
#
loop_
_entity_poly.entity_id
_entity_poly.type
_entity_poly.pdbx_seq_one_letter_code
_entity_poly.pdbx_strand_id
1 'polypeptide(L)'
;GSELQPPEASIAVVSIPRQLPGSHSEAGVQGLSAGDDSELGSHCVAQTGLELLASGDPLPSASQNAEMIETGSDCVTQAG
LQLLASSDPPALASKNAEVTGTMSQDTEVDMKEVELNELEPEKQPMNAASGAAMSLAGAEKNGLVKIKVAEDEAEAAAAA
KFTGLSKEELLKVAGSPGWVRTRWALLLLFWLGWLGMLAGAVVIIVRAPRCRELPAQKWWHTGALYRIGDLQAFQGHGAG
NLAGLKGRLDYLSSLKVKGLVLGPIHKNQKDDVAQTDLLQIDPNFGSKEDFDSLLQSAKKKSIRVILDLTPNYRGENSWF
STQVDTVATKVKDALEFWLQAGVDGFQVRDIENLKDASSFLAEWQNITKGFSEDRLLIAGTNSSDLQQILSLLESNKDLL
LTSSYLSDSGSTGEHTKSLVTQYLNATGNRWCSWSLSQARLLTSFLPAQLLRLYQLMLFTLPGTPVFSYGDEIGLDAAAL
PGQPMEAPVMLWDESSFPDIPGAVSANMTVKGQSEDPGSLLSLFRRLSDQRSKERSLLHGDFHAFSAGPGLFSYIRHWDQ
NERFLVVLNFGDVGLSAGLQASDLPASASLPAKADLLLSTQPGREEGSPLELERLKLEPHEGLLLRFPYAA
;
A
2 'polypeptide(L)'
;MAGAGPKRRALAAPAAEEKEEAREKMLAAKSADGSAPAGEGEGVTLQRNITLLNGVAIIVGTIIGSGIFVTPTGVLKEAG
SPGLALVVWAACGVFSIVGALCYAELGTTISKSGGDYAYMLEVYGSLPAFLKLWIELLIIRPSSQYIVALVFATYLLKPL
FPTCPVPEEAAKLVACLCVLLLTAVNCYSVKAATRVQDAFAAAKLLALALIILLGFVQIGKGDVSNLDPNFSFEGTKLDV
GNIVLALYSGLFAYGGWNYLNFVTEEMINPYRNLPLAIIISLPIVTLVYVLTNLAYFTTLSTEQMLSSEAVAVDFGNYHL
GVMSWIIPVFVGLSCFGSVNGSLFTSSRLFFVGSREGHLPSILSMIHPQLLTPVPSLVFTCVMTLLYAFSKDIFSVINFF
SFFNWLCVALAIIGMIWLRHRKPELERPIKVNLALPVFFILACLFLIAVSFWKTPVECGIGFTIILSGLPVYFFGVWWKN
KPKWLLQGIFSTTVLCQKLMQVVPQETDYKDDDDK
;
B
#
# COMPACT_ATOMS: atom_id res chain seq x y z
N THR A 163 29.59 8.00 1.72
CA THR A 163 29.28 8.78 2.95
C THR A 163 29.06 7.82 4.12
N GLY A 164 29.33 8.28 5.36
CA GLY A 164 29.38 7.45 6.56
C GLY A 164 30.63 6.55 6.60
N LEU A 165 30.71 5.68 7.61
CA LEU A 165 31.82 4.74 7.74
C LEU A 165 31.68 3.62 6.71
N SER A 166 32.74 3.30 5.93
CA SER A 166 32.61 2.39 4.80
C SER A 166 32.86 0.92 5.19
N LYS A 167 32.52 -0.01 4.26
CA LYS A 167 32.71 -1.45 4.41
C LYS A 167 34.14 -1.79 4.87
N GLU A 168 35.13 -1.12 4.25
CA GLU A 168 36.54 -1.35 4.47
C GLU A 168 37.00 -0.95 5.88
N GLU A 169 36.25 -0.06 6.55
CA GLU A 169 36.45 0.22 7.99
C GLU A 169 35.67 -0.78 8.85
N LEU A 170 34.35 -0.92 8.62
CA LEU A 170 33.48 -1.67 9.51
C LEU A 170 33.87 -3.15 9.68
N LEU A 171 34.50 -3.77 8.68
CA LEU A 171 34.91 -5.17 8.77
C LEU A 171 35.92 -5.46 9.91
N LYS A 172 36.56 -4.43 10.52
CA LYS A 172 37.42 -4.62 11.69
C LYS A 172 36.94 -3.91 12.98
N VAL A 173 35.88 -3.09 12.90
CA VAL A 173 35.29 -2.38 14.04
C VAL A 173 34.36 -3.28 14.86
N ALA A 174 33.89 -4.40 14.27
CA ALA A 174 33.06 -5.41 14.93
C ALA A 174 33.84 -6.29 15.94
N GLY A 175 34.37 -5.68 17.02
CA GLY A 175 35.10 -6.42 18.05
C GLY A 175 34.17 -7.30 18.89
N SER A 176 34.45 -8.60 18.95
CA SER A 176 33.48 -9.60 19.41
C SER A 176 32.92 -9.34 20.82
N PRO A 177 33.72 -9.00 21.86
CA PRO A 177 33.19 -8.71 23.21
C PRO A 177 32.15 -7.59 23.33
N GLY A 178 32.11 -6.66 22.36
CA GLY A 178 31.14 -5.57 22.32
C GLY A 178 29.97 -5.82 21.36
N TRP A 179 30.13 -5.38 20.10
CA TRP A 179 29.03 -5.28 19.15
C TRP A 179 28.50 -6.65 18.73
N VAL A 180 29.34 -7.67 18.52
CA VAL A 180 28.84 -8.97 18.04
C VAL A 180 27.95 -9.64 19.10
N ARG A 181 28.37 -9.61 20.38
CA ARG A 181 27.53 -10.12 21.47
C ARG A 181 26.25 -9.28 21.63
N THR A 182 26.35 -7.94 21.48
CA THR A 182 25.21 -7.03 21.53
C THR A 182 24.17 -7.35 20.45
N ARG A 183 24.61 -7.53 19.20
CA ARG A 183 23.74 -7.84 18.06
C ARG A 183 23.13 -9.24 18.17
N TRP A 184 23.83 -10.22 18.76
CA TRP A 184 23.19 -11.48 19.14
C TRP A 184 22.06 -11.25 20.16
N ALA A 185 22.31 -10.46 21.21
CA ALA A 185 21.31 -10.17 22.24
C ALA A 185 20.07 -9.46 21.67
N LEU A 186 20.21 -8.44 20.83
CA LEU A 186 19.06 -7.78 20.25
C LEU A 186 18.29 -8.71 19.31
N LEU A 187 18.98 -9.53 18.50
CA LEU A 187 18.28 -10.46 17.62
C LEU A 187 17.48 -11.49 18.44
N LEU A 188 18.02 -12.01 19.55
CA LEU A 188 17.24 -12.83 20.47
C LEU A 188 16.09 -12.05 21.11
N LEU A 189 16.31 -10.79 21.53
CA LEU A 189 15.27 -9.97 22.15
C LEU A 189 14.10 -9.74 21.19
N PHE A 190 14.35 -9.53 19.90
CA PHE A 190 13.29 -9.43 18.92
C PHE A 190 12.46 -10.70 18.87
N TRP A 191 13.06 -11.87 18.62
CA TRP A 191 12.23 -13.07 18.58
C TRP A 191 11.56 -13.46 19.91
N LEU A 192 12.21 -13.21 21.06
CA LEU A 192 11.56 -13.35 22.36
C LEU A 192 10.35 -12.41 22.47
N GLY A 193 10.48 -11.14 22.07
CA GLY A 193 9.40 -10.15 22.09
C GLY A 193 8.26 -10.43 21.10
N TRP A 194 8.59 -10.92 19.90
CA TRP A 194 7.57 -11.34 18.94
C TRP A 194 6.86 -12.60 19.39
N LEU A 195 7.54 -13.60 19.98
CA LEU A 195 6.81 -14.70 20.62
C LEU A 195 5.99 -14.25 21.83
N GLY A 196 6.46 -13.24 22.57
CA GLY A 196 5.64 -12.58 23.58
C GLY A 196 4.34 -11.98 23.03
N MET A 197 4.41 -11.28 21.90
CA MET A 197 3.25 -10.69 21.23
C MET A 197 2.37 -11.80 20.66
N LEU A 198 2.91 -12.90 20.16
CA LEU A 198 2.13 -14.04 19.70
C LEU A 198 1.41 -14.66 20.90
N ALA A 199 2.10 -14.86 22.02
CA ALA A 199 1.43 -15.36 23.20
C ALA A 199 0.33 -14.41 23.67
N GLY A 200 0.60 -13.09 23.68
CA GLY A 200 -0.41 -12.07 24.00
C GLY A 200 -1.67 -12.14 23.14
N ALA A 201 -1.51 -12.23 21.83
CA ALA A 201 -2.64 -12.40 20.92
C ALA A 201 -3.36 -13.72 21.22
N VAL A 202 -2.66 -14.84 21.42
CA VAL A 202 -3.34 -16.10 21.72
C VAL A 202 -4.08 -16.03 23.06
N VAL A 203 -3.55 -15.36 24.09
CA VAL A 203 -4.30 -15.13 25.32
C VAL A 203 -5.61 -14.39 25.05
N ILE A 204 -5.58 -13.27 24.32
CA ILE A 204 -6.78 -12.48 24.06
C ILE A 204 -7.82 -13.34 23.34
N ILE A 205 -7.42 -14.09 22.30
CA ILE A 205 -8.34 -14.94 21.57
C ILE A 205 -8.89 -16.09 22.45
N VAL A 206 -8.14 -16.58 23.45
CA VAL A 206 -8.65 -17.61 24.37
C VAL A 206 -9.61 -17.04 25.42
N ARG A 207 -9.33 -15.86 26.03
CA ARG A 207 -10.20 -15.33 27.09
C ARG A 207 -11.30 -14.38 26.62
N ALA A 208 -11.30 -13.87 25.38
CA ALA A 208 -12.43 -13.15 24.83
C ALA A 208 -13.69 -14.04 24.77
N PRO A 209 -14.90 -13.49 25.02
CA PRO A 209 -16.13 -14.28 25.04
C PRO A 209 -16.57 -14.76 23.66
N ARG A 210 -16.81 -16.08 23.54
CA ARG A 210 -17.20 -16.69 22.26
C ARG A 210 -18.64 -16.35 21.91
N CYS A 211 -18.93 -16.25 20.59
CA CYS A 211 -20.26 -15.87 20.13
C CYS A 211 -21.31 -16.93 20.51
N ARG A 212 -22.52 -16.50 20.92
CA ARG A 212 -23.63 -17.44 21.10
C ARG A 212 -24.00 -17.99 19.72
N GLU A 213 -24.28 -19.31 19.62
CA GLU A 213 -24.71 -19.91 18.35
C GLU A 213 -26.11 -19.42 17.97
N LEU A 214 -26.43 -19.36 16.66
CA LEU A 214 -27.73 -18.83 16.25
C LEU A 214 -28.88 -19.71 16.77
N THR B 51 4.39 -10.39 -26.20
CA THR B 51 3.12 -10.08 -26.94
C THR B 51 2.14 -9.37 -26.01
N LEU B 52 1.21 -8.57 -26.59
CA LEU B 52 0.26 -7.74 -25.84
C LEU B 52 -0.60 -8.58 -24.88
N LEU B 53 -1.08 -9.75 -25.32
CA LEU B 53 -1.90 -10.65 -24.51
C LEU B 53 -1.21 -11.08 -23.20
N ASN B 54 0.12 -11.31 -23.24
CA ASN B 54 0.92 -11.63 -22.06
C ASN B 54 1.25 -10.38 -21.23
N GLY B 55 1.27 -9.18 -21.84
CA GLY B 55 1.34 -7.92 -21.10
C GLY B 55 0.14 -7.70 -20.18
N VAL B 56 -1.08 -7.86 -20.70
CA VAL B 56 -2.31 -7.78 -19.91
C VAL B 56 -2.27 -8.76 -18.73
N ALA B 57 -1.77 -9.98 -18.89
CA ALA B 57 -1.63 -10.92 -17.78
C ALA B 57 -0.64 -10.47 -16.69
N ILE B 58 0.27 -9.51 -16.97
CA ILE B 58 1.15 -8.91 -15.97
C ILE B 58 0.42 -7.76 -15.28
N ILE B 59 -0.21 -6.85 -16.04
CA ILE B 59 -0.87 -5.70 -15.42
C ILE B 59 -2.12 -6.13 -14.60
N VAL B 60 -3.02 -6.99 -15.08
CA VAL B 60 -4.22 -7.37 -14.33
C VAL B 60 -3.85 -8.01 -12.99
N GLY B 61 -2.85 -8.90 -12.94
CA GLY B 61 -2.35 -9.51 -11.72
C GLY B 61 -1.62 -8.55 -10.78
N THR B 62 -1.15 -7.40 -11.30
CA THR B 62 -0.56 -6.32 -10.52
C THR B 62 -1.62 -5.43 -9.89
N ILE B 63 -2.70 -5.07 -10.65
CA ILE B 63 -3.73 -4.13 -10.20
C ILE B 63 -4.68 -4.74 -9.17
N ILE B 64 -5.07 -6.03 -9.31
CA ILE B 64 -6.18 -6.62 -8.56
C ILE B 64 -6.02 -6.52 -7.03
N GLY B 65 -4.81 -6.60 -6.49
CA GLY B 65 -4.60 -6.25 -5.09
C GLY B 65 -5.30 -7.15 -4.05
N SER B 66 -5.35 -6.65 -2.80
CA SER B 66 -6.12 -7.27 -1.71
C SER B 66 -7.26 -6.36 -1.24
N GLY B 67 -7.31 -5.10 -1.67
CA GLY B 67 -8.36 -4.20 -1.24
C GLY B 67 -9.78 -4.68 -1.55
N ILE B 68 -9.98 -5.52 -2.56
CA ILE B 68 -11.27 -6.05 -2.92
C ILE B 68 -11.91 -6.88 -1.78
N PHE B 69 -11.12 -7.32 -0.80
CA PHE B 69 -11.66 -8.10 0.31
C PHE B 69 -12.05 -7.25 1.50
N VAL B 70 -11.57 -5.98 1.54
CA VAL B 70 -11.96 -4.97 2.52
C VAL B 70 -13.19 -4.21 2.04
N THR B 71 -13.09 -3.66 0.83
CA THR B 71 -13.81 -2.45 0.47
C THR B 71 -15.26 -2.67 0.06
N PRO B 72 -15.79 -3.86 -0.31
CA PRO B 72 -17.22 -4.01 -0.60
C PRO B 72 -18.11 -3.47 0.49
N THR B 73 -17.80 -3.78 1.76
CA THR B 73 -18.52 -3.20 2.89
C THR B 73 -18.41 -1.67 2.93
N GLY B 74 -17.28 -1.11 2.48
CA GLY B 74 -17.05 0.32 2.46
C GLY B 74 -17.94 1.05 1.47
N VAL B 75 -17.96 0.60 0.21
CA VAL B 75 -18.80 1.22 -0.80
C VAL B 75 -20.27 1.01 -0.45
N LEU B 76 -20.67 -0.15 0.07
CA LEU B 76 -22.06 -0.42 0.41
C LEU B 76 -22.52 0.47 1.58
N LYS B 77 -21.69 0.69 2.60
CA LYS B 77 -22.03 1.56 3.72
C LYS B 77 -22.36 2.98 3.26
N GLU B 78 -21.58 3.52 2.30
CA GLU B 78 -21.77 4.88 1.83
C GLU B 78 -22.82 5.02 0.69
N ALA B 79 -22.91 4.05 -0.23
CA ALA B 79 -23.90 4.02 -1.30
C ALA B 79 -25.29 3.51 -0.85
N GLY B 80 -25.38 2.93 0.35
CA GLY B 80 -26.66 2.62 0.98
C GLY B 80 -27.28 1.28 0.54
N SER B 81 -27.30 1.01 -0.79
CA SER B 81 -27.94 -0.19 -1.31
C SER B 81 -27.24 -0.66 -2.60
N PRO B 82 -27.24 -1.99 -2.92
CA PRO B 82 -26.40 -2.55 -3.96
C PRO B 82 -26.36 -1.87 -5.33
N GLY B 83 -27.48 -1.37 -5.83
CA GLY B 83 -27.56 -0.82 -7.18
C GLY B 83 -26.54 0.28 -7.43
N LEU B 84 -26.38 1.20 -6.46
CA LEU B 84 -25.42 2.29 -6.58
C LEU B 84 -24.01 1.81 -6.25
N ALA B 85 -23.83 0.78 -5.41
CA ALA B 85 -22.51 0.23 -5.15
C ALA B 85 -21.86 -0.32 -6.42
N LEU B 86 -22.61 -1.05 -7.27
CA LEU B 86 -22.08 -1.52 -8.55
C LEU B 86 -21.70 -0.35 -9.48
N VAL B 87 -22.51 0.72 -9.54
CA VAL B 87 -22.19 1.91 -10.32
C VAL B 87 -20.90 2.57 -9.81
N VAL B 88 -20.69 2.62 -8.49
CA VAL B 88 -19.45 3.15 -7.94
C VAL B 88 -18.27 2.25 -8.33
N TRP B 89 -18.41 0.93 -8.32
CA TRP B 89 -17.32 0.08 -8.78
C TRP B 89 -16.94 0.36 -10.23
N ALA B 90 -17.93 0.58 -11.11
CA ALA B 90 -17.67 0.94 -12.49
C ALA B 90 -16.98 2.30 -12.55
N ALA B 91 -17.48 3.31 -11.82
CA ALA B 91 -16.94 4.66 -11.83
C ALA B 91 -15.46 4.67 -11.39
N CYS B 92 -15.12 3.85 -10.40
CA CYS B 92 -13.75 3.67 -9.96
C CYS B 92 -12.86 3.05 -11.04
N GLY B 93 -13.41 2.08 -11.79
CA GLY B 93 -12.75 1.55 -12.98
C GLY B 93 -12.41 2.64 -13.99
N VAL B 94 -13.42 3.43 -14.39
CA VAL B 94 -13.28 4.47 -15.39
C VAL B 94 -12.29 5.53 -14.91
N PHE B 95 -12.34 5.94 -13.64
CA PHE B 95 -11.34 6.85 -13.09
C PHE B 95 -9.93 6.27 -13.16
N SER B 96 -9.78 4.97 -12.88
CA SER B 96 -8.48 4.31 -13.02
C SER B 96 -7.99 4.26 -14.47
N ILE B 97 -8.87 4.07 -15.48
CA ILE B 97 -8.46 4.11 -16.88
C ILE B 97 -7.87 5.49 -17.23
N VAL B 98 -8.56 6.56 -16.84
CA VAL B 98 -8.05 7.91 -17.06
C VAL B 98 -6.75 8.19 -16.28
N GLY B 99 -6.64 7.71 -15.04
CA GLY B 99 -5.42 7.83 -14.24
C GLY B 99 -4.23 7.08 -14.83
N ALA B 100 -4.44 5.82 -15.22
CA ALA B 100 -3.41 4.95 -15.75
C ALA B 100 -2.83 5.51 -17.06
N LEU B 101 -3.65 6.01 -18.00
CA LEU B 101 -3.11 6.53 -19.24
C LEU B 101 -2.31 7.82 -19.00
N CYS B 102 -2.66 8.65 -18.00
CA CYS B 102 -1.82 9.80 -17.66
C CYS B 102 -0.46 9.34 -17.10
N TYR B 103 -0.47 8.24 -16.34
CA TYR B 103 0.76 7.66 -15.84
C TYR B 103 1.52 6.86 -16.90
N ALA B 104 0.88 6.40 -17.98
CA ALA B 104 1.58 5.92 -19.15
C ALA B 104 2.42 7.03 -19.79
N GLU B 105 1.88 8.27 -19.81
CA GLU B 105 2.64 9.42 -20.26
C GLU B 105 3.80 9.70 -19.30
N LEU B 106 3.56 10.07 -18.04
CA LEU B 106 4.67 10.38 -17.14
C LEU B 106 5.71 9.25 -17.01
N GLY B 107 5.26 7.99 -17.01
CA GLY B 107 6.13 6.82 -16.99
C GLY B 107 6.96 6.55 -18.25
N THR B 108 6.81 7.38 -19.30
CA THR B 108 7.59 7.29 -20.52
C THR B 108 8.23 8.62 -20.95
N THR B 109 7.74 9.80 -20.48
CA THR B 109 8.38 11.06 -20.80
C THR B 109 9.57 11.37 -19.90
N ILE B 110 9.39 11.35 -18.57
CA ILE B 110 10.46 11.64 -17.63
C ILE B 110 11.33 10.40 -17.37
N SER B 111 10.67 9.23 -17.20
CA SER B 111 11.28 7.90 -17.10
C SER B 111 12.30 7.69 -15.96
N LYS B 112 12.60 8.70 -15.13
CA LYS B 112 13.54 8.59 -14.02
C LYS B 112 13.02 7.56 -12.99
N SER B 113 13.90 6.65 -12.53
CA SER B 113 13.52 5.56 -11.62
C SER B 113 13.16 6.06 -10.21
N GLY B 114 12.22 5.34 -9.54
CA GLY B 114 11.93 5.48 -8.11
C GLY B 114 10.51 5.91 -7.75
N GLY B 115 9.62 6.06 -8.74
CA GLY B 115 8.23 6.48 -8.53
C GLY B 115 8.04 7.99 -8.61
N ASP B 116 6.89 8.50 -8.16
CA ASP B 116 6.48 9.90 -8.32
C ASP B 116 7.54 10.93 -7.89
N TYR B 117 8.27 10.65 -6.81
CA TYR B 117 9.36 11.52 -6.34
C TYR B 117 10.36 11.84 -7.45
N ALA B 118 10.70 10.84 -8.26
CA ALA B 118 11.57 11.00 -9.42
C ALA B 118 11.03 12.03 -10.44
N TYR B 119 9.70 12.17 -10.58
CA TYR B 119 9.06 13.18 -11.43
C TYR B 119 9.07 14.54 -10.73
N MET B 120 8.79 14.58 -9.41
CA MET B 120 8.76 15.82 -8.66
C MET B 120 10.11 16.56 -8.67
N LEU B 121 11.24 15.83 -8.72
CA LEU B 121 12.56 16.43 -8.88
C LEU B 121 12.70 17.27 -10.16
N GLU B 122 12.02 16.88 -11.25
CA GLU B 122 12.03 17.62 -12.51
C GLU B 122 11.00 18.75 -12.55
N VAL B 123 9.78 18.50 -12.04
CA VAL B 123 8.68 19.45 -12.16
C VAL B 123 8.76 20.55 -11.09
N TYR B 124 9.31 20.27 -9.89
CA TYR B 124 9.30 21.19 -8.76
C TYR B 124 10.65 21.30 -8.03
N GLY B 125 11.38 20.20 -7.86
CA GLY B 125 12.65 20.15 -7.12
C GLY B 125 12.49 20.45 -5.63
N SER B 126 13.62 20.76 -4.98
CA SER B 126 13.67 21.55 -3.74
C SER B 126 12.70 21.00 -2.66
N LEU B 127 11.81 21.85 -2.12
CA LEU B 127 10.87 21.49 -1.05
C LEU B 127 9.76 20.56 -1.53
N PRO B 128 8.95 20.85 -2.59
CA PRO B 128 7.88 19.94 -2.99
C PRO B 128 8.31 18.51 -3.27
N ALA B 129 9.53 18.29 -3.78
CA ALA B 129 10.06 16.93 -3.94
C ALA B 129 10.23 16.23 -2.57
N PHE B 130 10.80 16.92 -1.57
CA PHE B 130 10.90 16.37 -0.22
C PHE B 130 9.52 16.14 0.39
N LEU B 131 8.55 17.05 0.22
CA LEU B 131 7.23 16.83 0.77
C LEU B 131 6.50 15.62 0.12
N LYS B 132 6.74 15.31 -1.16
CA LYS B 132 6.23 14.06 -1.72
C LYS B 132 6.88 12.84 -1.02
N LEU B 133 8.19 12.83 -0.86
CA LEU B 133 8.88 11.72 -0.20
C LEU B 133 8.39 11.56 1.24
N TRP B 134 8.20 12.67 1.94
CA TRP B 134 7.79 12.68 3.33
C TRP B 134 6.36 12.20 3.45
N ILE B 135 5.42 12.70 2.61
CA ILE B 135 4.07 12.16 2.59
C ILE B 135 4.10 10.66 2.28
N GLU B 136 4.83 10.23 1.27
CA GLU B 136 4.78 8.83 0.85
C GLU B 136 5.36 7.88 1.89
N LEU B 137 6.34 8.30 2.70
CA LEU B 137 6.95 7.45 3.72
C LEU B 137 6.25 7.55 5.07
N LEU B 138 5.57 8.65 5.42
CA LEU B 138 4.89 8.72 6.72
C LEU B 138 3.36 8.54 6.62
N ILE B 139 2.76 8.76 5.45
CA ILE B 139 1.33 8.52 5.27
C ILE B 139 1.08 7.36 4.32
N ILE B 140 1.43 7.47 3.05
CA ILE B 140 0.91 6.54 2.08
C ILE B 140 1.43 5.12 2.35
N ARG B 141 2.72 4.85 2.26
CA ARG B 141 3.22 3.49 2.33
C ARG B 141 2.97 2.85 3.70
N PRO B 142 2.99 3.55 4.86
CA PRO B 142 2.52 2.98 6.12
C PRO B 142 1.04 2.60 6.17
N SER B 143 0.16 3.53 5.81
CA SER B 143 -1.25 3.28 5.99
C SER B 143 -1.74 2.16 5.06
N SER B 144 -1.36 2.11 3.78
CA SER B 144 -1.76 0.99 2.95
C SER B 144 -1.16 -0.35 3.39
N GLN B 145 -0.06 -0.38 4.14
CA GLN B 145 0.44 -1.63 4.69
C GLN B 145 -0.39 -2.03 5.88
N TYR B 146 -0.68 -1.10 6.76
CA TYR B 146 -1.45 -1.43 7.94
C TYR B 146 -2.83 -1.93 7.51
N ILE B 147 -3.51 -1.28 6.56
CA ILE B 147 -4.80 -1.71 6.07
C ILE B 147 -4.76 -3.15 5.55
N VAL B 148 -3.75 -3.52 4.78
CA VAL B 148 -3.69 -4.88 4.30
C VAL B 148 -3.27 -5.84 5.43
N ALA B 149 -2.46 -5.41 6.36
CA ALA B 149 -2.10 -6.24 7.51
C ALA B 149 -3.26 -6.50 8.42
N LEU B 150 -4.18 -5.55 8.51
CA LEU B 150 -5.37 -5.68 9.37
C LEU B 150 -6.46 -6.50 8.69
N VAL B 151 -6.68 -6.35 7.37
CA VAL B 151 -7.60 -7.25 6.70
C VAL B 151 -7.09 -8.70 6.86
N PHE B 152 -5.81 -8.93 6.72
CA PHE B 152 -5.24 -10.24 6.97
C PHE B 152 -5.69 -10.73 8.33
N ALA B 153 -5.50 -9.90 9.36
CA ALA B 153 -5.75 -10.29 10.73
C ALA B 153 -7.25 -10.62 10.94
N THR B 154 -8.16 -9.78 10.47
CA THR B 154 -9.57 -10.06 10.66
C THR B 154 -9.97 -11.33 9.95
N TYR B 155 -9.56 -11.54 8.72
CA TYR B 155 -9.95 -12.77 8.04
C TYR B 155 -9.32 -14.03 8.67
N LEU B 156 -8.09 -13.96 9.15
CA LEU B 156 -7.45 -15.11 9.78
C LEU B 156 -8.19 -15.46 11.07
N LEU B 157 -8.66 -14.45 11.81
CA LEU B 157 -9.39 -14.69 13.03
C LEU B 157 -10.88 -15.00 12.83
N LYS B 158 -11.56 -14.50 11.79
CA LYS B 158 -13.01 -14.51 11.72
C LYS B 158 -13.61 -15.91 11.93
N PRO B 159 -13.09 -17.05 11.41
CA PRO B 159 -13.67 -18.35 11.73
C PRO B 159 -13.74 -18.72 13.21
N LEU B 160 -12.96 -18.08 14.10
CA LEU B 160 -13.16 -18.27 15.55
C LEU B 160 -14.30 -17.41 16.15
N PHE B 161 -14.85 -16.46 15.37
CA PHE B 161 -15.86 -15.51 15.79
C PHE B 161 -16.90 -15.33 14.67
N PRO B 162 -17.73 -16.37 14.44
CA PRO B 162 -18.58 -16.44 13.24
C PRO B 162 -19.69 -15.39 13.22
N THR B 163 -20.26 -15.02 14.40
CA THR B 163 -21.39 -14.11 14.46
C THR B 163 -20.96 -12.74 15.00
N CYS B 164 -20.35 -12.78 16.18
CA CYS B 164 -19.99 -11.58 16.95
C CYS B 164 -18.69 -11.00 16.42
N PRO B 165 -18.43 -9.68 16.50
CA PRO B 165 -17.29 -9.08 15.83
C PRO B 165 -15.99 -9.47 16.54
N VAL B 166 -14.92 -9.67 15.73
CA VAL B 166 -13.61 -10.19 16.20
C VAL B 166 -12.97 -9.11 17.07
N PRO B 167 -12.37 -9.48 18.24
CA PRO B 167 -11.94 -8.48 19.25
C PRO B 167 -10.80 -7.61 18.77
N GLU B 168 -10.97 -6.28 18.74
CA GLU B 168 -10.03 -5.38 18.07
C GLU B 168 -8.62 -5.45 18.69
N GLU B 169 -8.55 -5.58 20.00
CA GLU B 169 -7.27 -5.75 20.67
C GLU B 169 -6.50 -6.98 20.15
N ALA B 170 -7.16 -8.02 19.62
CA ALA B 170 -6.50 -9.20 19.06
C ALA B 170 -6.23 -8.99 17.59
N ALA B 171 -7.15 -8.39 16.87
CA ALA B 171 -6.93 -8.07 15.48
C ALA B 171 -5.67 -7.23 15.35
N LYS B 172 -5.46 -6.23 16.24
CA LYS B 172 -4.27 -5.41 16.10
C LYS B 172 -2.95 -6.14 16.43
N LEU B 173 -2.90 -7.00 17.39
CA LEU B 173 -1.72 -7.81 17.60
C LEU B 173 -1.46 -8.75 16.43
N VAL B 174 -2.44 -9.48 15.92
CA VAL B 174 -2.14 -10.35 14.80
C VAL B 174 -1.80 -9.55 13.56
N ALA B 175 -2.28 -8.32 13.36
CA ALA B 175 -1.79 -7.48 12.27
C ALA B 175 -0.31 -7.21 12.44
N CYS B 176 0.09 -6.85 13.65
CA CYS B 176 1.48 -6.57 13.97
C CYS B 176 2.38 -7.78 13.80
N LEU B 177 1.96 -8.93 14.26
CA LEU B 177 2.75 -10.14 14.11
C LEU B 177 3.02 -10.44 12.64
N CYS B 178 2.09 -10.16 11.74
CA CYS B 178 2.29 -10.33 10.32
C CYS B 178 3.33 -9.33 9.77
N VAL B 179 3.20 -8.03 10.06
CA VAL B 179 4.16 -7.06 9.58
C VAL B 179 5.58 -7.30 10.13
N LEU B 180 5.75 -7.67 11.38
CA LEU B 180 7.09 -7.95 11.91
C LEU B 180 7.62 -9.22 11.29
N LEU B 181 6.88 -10.32 11.22
CA LEU B 181 7.38 -11.53 10.62
C LEU B 181 7.85 -11.29 9.15
N LEU B 182 7.08 -10.56 8.34
CA LEU B 182 7.50 -10.29 6.99
C LEU B 182 8.61 -9.23 6.91
N THR B 183 8.80 -8.40 7.92
CA THR B 183 9.96 -7.54 7.98
C THR B 183 11.17 -8.41 8.24
N ALA B 184 11.10 -9.34 9.17
CA ALA B 184 12.23 -10.23 9.46
C ALA B 184 12.60 -11.03 8.21
N VAL B 185 11.62 -11.62 7.50
CA VAL B 185 11.94 -12.42 6.32
C VAL B 185 12.59 -11.57 5.23
N ASN B 186 12.15 -10.35 4.98
CA ASN B 186 12.80 -9.47 4.01
C ASN B 186 14.18 -9.01 4.47
N CYS B 187 14.46 -8.93 5.79
CA CYS B 187 15.81 -8.65 6.29
C CYS B 187 16.74 -9.84 6.15
N TYR B 188 16.27 -11.05 6.42
CA TYR B 188 17.10 -12.25 6.37
C TYR B 188 17.45 -12.66 4.95
N SER B 189 16.56 -12.50 3.97
CA SER B 189 16.85 -13.02 2.64
C SER B 189 15.95 -12.54 1.52
N VAL B 190 16.50 -11.73 0.58
CA VAL B 190 15.80 -11.46 -0.69
C VAL B 190 15.59 -12.76 -1.50
N LYS B 191 16.51 -13.73 -1.39
CA LYS B 191 16.38 -15.03 -2.04
C LYS B 191 15.18 -15.83 -1.52
N ALA B 192 14.76 -15.63 -0.25
CA ALA B 192 13.52 -16.20 0.29
C ALA B 192 12.30 -15.32 0.01
N ALA B 193 12.37 -14.02 0.32
CA ALA B 193 11.22 -13.12 0.17
C ALA B 193 10.70 -12.95 -1.28
N THR B 194 11.56 -13.10 -2.29
CA THR B 194 11.12 -13.26 -3.67
C THR B 194 10.24 -14.51 -3.88
N ARG B 195 10.61 -15.69 -3.33
CA ARG B 195 9.81 -16.91 -3.47
C ARG B 195 8.44 -16.80 -2.76
N VAL B 196 8.41 -16.09 -1.62
CA VAL B 196 7.18 -15.76 -0.91
C VAL B 196 6.27 -14.83 -1.74
N GLN B 197 6.84 -13.96 -2.60
CA GLN B 197 6.04 -13.15 -3.52
C GLN B 197 5.59 -13.94 -4.76
N ASP B 198 6.47 -14.79 -5.31
CA ASP B 198 6.19 -15.58 -6.50
C ASP B 198 4.98 -16.52 -6.29
N ALA B 199 4.88 -17.14 -5.10
CA ALA B 199 3.83 -18.11 -4.78
C ALA B 199 2.44 -17.48 -4.59
N PHE B 200 2.29 -16.56 -3.63
CA PHE B 200 0.97 -16.14 -3.16
C PHE B 200 0.21 -15.22 -4.13
N ALA B 201 0.83 -14.70 -5.18
CA ALA B 201 0.10 -14.07 -6.28
C ALA B 201 -0.94 -15.01 -6.92
N ALA B 202 -0.74 -16.34 -6.81
CA ALA B 202 -1.73 -17.34 -7.24
C ALA B 202 -2.97 -17.33 -6.34
N ALA B 203 -2.79 -17.23 -5.02
CA ALA B 203 -3.89 -17.22 -4.05
C ALA B 203 -4.82 -16.00 -4.22
N LYS B 204 -4.26 -14.84 -4.53
CA LYS B 204 -5.01 -13.63 -4.86
C LYS B 204 -6.10 -13.87 -5.90
N LEU B 205 -5.72 -14.46 -7.06
CA LEU B 205 -6.67 -14.71 -8.14
C LEU B 205 -7.50 -15.96 -7.87
N LEU B 206 -6.97 -16.98 -7.17
CA LEU B 206 -7.72 -18.19 -6.90
C LEU B 206 -8.93 -17.90 -6.00
N ALA B 207 -8.75 -17.16 -4.89
CA ALA B 207 -9.85 -16.75 -4.01
C ALA B 207 -10.90 -15.88 -4.74
N LEU B 208 -10.44 -14.94 -5.55
CA LEU B 208 -11.30 -13.98 -6.21
C LEU B 208 -12.11 -14.62 -7.36
N ALA B 209 -11.52 -15.57 -8.09
CA ALA B 209 -12.23 -16.35 -9.09
C ALA B 209 -13.23 -17.30 -8.44
N LEU B 210 -12.85 -17.95 -7.33
CA LEU B 210 -13.73 -18.86 -6.60
C LEU B 210 -15.02 -18.16 -6.14
N ILE B 211 -14.91 -16.96 -5.60
CA ILE B 211 -16.08 -16.17 -5.26
C ILE B 211 -16.99 -15.95 -6.48
N ILE B 212 -16.45 -15.70 -7.67
CA ILE B 212 -17.27 -15.47 -8.86
C ILE B 212 -17.93 -16.79 -9.31
N LEU B 213 -17.19 -17.93 -9.35
CA LEU B 213 -17.79 -19.18 -9.81
C LEU B 213 -18.87 -19.68 -8.83
N LEU B 214 -18.69 -19.47 -7.53
CA LEU B 214 -19.74 -19.69 -6.54
C LEU B 214 -20.95 -18.76 -6.78
N GLY B 215 -20.70 -17.49 -7.12
CA GLY B 215 -21.74 -16.55 -7.53
C GLY B 215 -22.53 -17.00 -8.76
N PHE B 216 -21.86 -17.59 -9.75
CA PHE B 216 -22.54 -18.13 -10.93
C PHE B 216 -23.42 -19.34 -10.59
N VAL B 217 -22.97 -20.31 -9.78
CA VAL B 217 -23.84 -21.44 -9.42
C VAL B 217 -24.99 -20.99 -8.51
N GLN B 218 -24.81 -19.94 -7.70
CA GLN B 218 -25.90 -19.32 -6.95
C GLN B 218 -26.99 -18.78 -7.89
N ILE B 219 -26.61 -18.11 -9.00
CA ILE B 219 -27.55 -17.68 -10.02
C ILE B 219 -28.15 -18.86 -10.82
N GLY B 220 -27.33 -19.88 -11.15
CA GLY B 220 -27.79 -21.09 -11.83
C GLY B 220 -28.88 -21.86 -11.06
N LYS B 221 -28.78 -21.88 -9.72
CA LYS B 221 -29.81 -22.41 -8.82
C LYS B 221 -30.98 -21.41 -8.65
N GLY B 222 -30.68 -20.11 -8.56
CA GLY B 222 -31.68 -19.06 -8.50
C GLY B 222 -32.26 -18.71 -9.87
N PHE B 233 -30.43 -1.97 -4.83
CA PHE B 233 -31.08 -1.77 -6.17
C PHE B 233 -31.66 -0.37 -6.35
N GLU B 234 -31.99 0.35 -5.25
CA GLU B 234 -32.55 1.69 -5.28
C GLU B 234 -31.45 2.78 -5.31
N GLY B 235 -30.34 2.57 -4.58
CA GLY B 235 -29.41 3.63 -4.22
C GLY B 235 -29.97 4.56 -3.13
N THR B 236 -30.10 4.06 -1.89
CA THR B 236 -30.88 4.69 -0.82
C THR B 236 -30.17 5.90 -0.17
N LYS B 237 -28.91 6.18 -0.51
CA LYS B 237 -28.27 7.47 -0.22
C LYS B 237 -27.71 8.08 -1.51
N LEU B 238 -27.77 9.41 -1.64
CA LEU B 238 -27.27 10.12 -2.82
C LEU B 238 -26.60 11.47 -2.48
N ASP B 239 -26.16 11.66 -1.22
CA ASP B 239 -25.36 12.82 -0.82
C ASP B 239 -23.98 12.78 -1.48
N VAL B 240 -23.57 13.91 -2.11
CA VAL B 240 -22.24 14.07 -2.68
C VAL B 240 -21.16 13.81 -1.61
N GLY B 241 -21.40 14.20 -0.36
CA GLY B 241 -20.50 13.86 0.74
C GLY B 241 -20.18 12.36 0.83
N ASN B 242 -21.22 11.53 1.00
CA ASN B 242 -21.06 10.09 1.10
C ASN B 242 -20.51 9.50 -0.22
N ILE B 243 -20.95 9.99 -1.38
CA ILE B 243 -20.53 9.32 -2.61
C ILE B 243 -19.01 9.52 -2.86
N VAL B 244 -18.40 10.59 -2.35
CA VAL B 244 -16.94 10.72 -2.35
C VAL B 244 -16.27 9.72 -1.41
N LEU B 245 -16.87 9.35 -0.27
CA LEU B 245 -16.35 8.28 0.57
C LEU B 245 -16.60 6.89 -0.02
N ALA B 246 -17.66 6.72 -0.82
CA ALA B 246 -17.86 5.50 -1.60
C ALA B 246 -16.76 5.41 -2.64
N LEU B 247 -16.49 6.51 -3.38
CA LEU B 247 -15.43 6.52 -4.37
C LEU B 247 -14.07 6.24 -3.72
N TYR B 248 -13.71 6.86 -2.59
CA TYR B 248 -12.48 6.52 -1.88
C TYR B 248 -12.38 5.04 -1.55
N SER B 249 -13.43 4.43 -1.02
CA SER B 249 -13.42 3.01 -0.69
C SER B 249 -13.28 2.16 -1.97
N GLY B 250 -13.94 2.50 -3.06
CA GLY B 250 -13.83 1.68 -4.25
C GLY B 250 -12.52 1.87 -4.97
N LEU B 251 -11.96 3.10 -5.01
CA LEU B 251 -10.71 3.40 -5.66
C LEU B 251 -9.53 2.73 -4.96
N PHE B 252 -9.62 2.50 -3.65
CA PHE B 252 -8.56 1.83 -2.92
C PHE B 252 -8.15 0.50 -3.57
N ALA B 253 -9.12 -0.31 -4.05
CA ALA B 253 -8.82 -1.61 -4.63
C ALA B 253 -8.01 -1.49 -5.93
N TYR B 254 -8.25 -0.46 -6.75
CA TYR B 254 -7.42 -0.27 -7.94
C TYR B 254 -6.00 0.32 -7.71
N GLY B 255 -5.53 0.50 -6.47
CA GLY B 255 -4.50 1.49 -6.16
C GLY B 255 -3.04 1.08 -6.46
N GLY B 256 -2.83 0.23 -7.48
CA GLY B 256 -1.51 -0.20 -7.95
C GLY B 256 -0.89 0.64 -9.08
N TRP B 257 -1.72 1.23 -9.94
CA TRP B 257 -1.25 1.78 -11.22
C TRP B 257 -0.24 2.97 -11.15
N ASN B 258 -0.29 3.76 -10.09
CA ASN B 258 0.63 4.89 -9.91
C ASN B 258 2.02 4.45 -9.45
N TYR B 259 2.20 3.21 -8.96
CA TYR B 259 3.49 2.73 -8.44
C TYR B 259 4.37 2.03 -9.48
N LEU B 260 3.75 1.28 -10.43
CA LEU B 260 4.42 0.15 -11.10
C LEU B 260 4.06 -0.01 -12.58
N ASN B 261 3.16 0.81 -13.14
CA ASN B 261 2.59 0.52 -14.45
C ASN B 261 3.67 0.46 -15.57
N PHE B 262 4.71 1.31 -15.44
CA PHE B 262 5.87 1.39 -16.33
C PHE B 262 6.65 0.07 -16.46
N VAL B 263 6.57 -0.87 -15.49
CA VAL B 263 7.21 -2.17 -15.57
C VAL B 263 6.89 -2.91 -16.89
N THR B 264 5.65 -2.79 -17.38
CA THR B 264 5.23 -3.47 -18.61
C THR B 264 5.97 -2.99 -19.86
N GLU B 265 6.52 -1.76 -19.87
CA GLU B 265 7.32 -1.24 -20.99
C GLU B 265 8.63 -2.02 -21.22
N GLU B 266 9.15 -2.72 -20.20
CA GLU B 266 10.35 -3.56 -20.33
C GLU B 266 10.08 -4.91 -21.02
N MET B 267 8.81 -5.25 -21.38
CA MET B 267 8.46 -6.46 -22.13
C MET B 267 7.48 -6.20 -23.28
N ILE B 268 6.69 -5.11 -23.26
CA ILE B 268 5.87 -4.64 -24.37
C ILE B 268 6.61 -3.48 -25.04
N ASN B 269 7.18 -3.72 -26.22
CA ASN B 269 8.22 -2.85 -26.77
C ASN B 269 7.64 -1.55 -27.38
N PRO B 270 6.65 -1.56 -28.31
CA PRO B 270 6.12 -0.33 -28.89
C PRO B 270 5.36 0.55 -27.89
N TYR B 271 5.69 1.85 -27.86
CA TYR B 271 5.09 2.81 -26.94
C TYR B 271 3.59 2.98 -27.13
N ARG B 272 3.02 2.78 -28.34
CA ARG B 272 1.57 2.82 -28.53
C ARG B 272 0.88 1.55 -28.00
N ASN B 273 1.61 0.44 -27.75
CA ASN B 273 1.04 -0.78 -27.19
C ASN B 273 0.86 -0.70 -25.65
N LEU B 274 1.55 0.20 -24.93
CA LEU B 274 1.35 0.40 -23.49
C LEU B 274 -0.05 0.95 -23.19
N PRO B 275 -0.56 2.03 -23.83
CA PRO B 275 -2.01 2.35 -23.81
C PRO B 275 -2.95 1.19 -24.14
N LEU B 276 -2.65 0.31 -25.11
CA LEU B 276 -3.52 -0.83 -25.36
C LEU B 276 -3.55 -1.80 -24.16
N ALA B 277 -2.42 -2.07 -23.50
CA ALA B 277 -2.38 -2.92 -22.30
C ALA B 277 -3.22 -2.33 -21.15
N ILE B 278 -3.16 -1.03 -20.94
CA ILE B 278 -4.02 -0.34 -19.97
C ILE B 278 -5.50 -0.46 -20.36
N ILE B 279 -5.86 -0.04 -21.58
CA ILE B 279 -7.25 0.08 -22.03
C ILE B 279 -7.91 -1.29 -22.13
N ILE B 280 -7.16 -2.37 -22.41
CA ILE B 280 -7.68 -3.72 -22.31
C ILE B 280 -7.78 -4.17 -20.84
N SER B 281 -6.74 -3.97 -20.01
CA SER B 281 -6.68 -4.54 -18.67
C SER B 281 -7.67 -3.91 -17.66
N LEU B 282 -7.84 -2.59 -17.61
CA LEU B 282 -8.63 -2.03 -16.51
C LEU B 282 -10.14 -2.33 -16.65
N PRO B 283 -10.77 -2.41 -17.84
CA PRO B 283 -12.05 -3.08 -17.97
C PRO B 283 -12.09 -4.52 -17.48
N ILE B 284 -11.01 -5.33 -17.62
CA ILE B 284 -10.98 -6.67 -17.05
C ILE B 284 -11.01 -6.63 -15.51
N VAL B 285 -10.24 -5.74 -14.89
CA VAL B 285 -10.31 -5.54 -13.45
C VAL B 285 -11.73 -5.12 -13.05
N THR B 286 -12.28 -4.10 -13.70
CA THR B 286 -13.62 -3.62 -13.40
C THR B 286 -14.66 -4.74 -13.51
N LEU B 287 -14.54 -5.60 -14.52
CA LEU B 287 -15.41 -6.76 -14.66
C LEU B 287 -15.28 -7.67 -13.43
N VAL B 288 -14.05 -8.01 -12.99
CA VAL B 288 -13.86 -8.89 -11.84
C VAL B 288 -14.45 -8.26 -10.57
N TYR B 289 -14.26 -6.96 -10.37
CA TYR B 289 -14.80 -6.28 -9.20
C TYR B 289 -16.31 -6.20 -9.22
N VAL B 290 -16.91 -5.90 -10.37
CA VAL B 290 -18.36 -5.97 -10.47
C VAL B 290 -18.86 -7.40 -10.24
N LEU B 291 -18.24 -8.41 -10.86
CA LEU B 291 -18.69 -9.79 -10.67
C LEU B 291 -18.57 -10.30 -9.23
N THR B 292 -17.48 -9.98 -8.51
CA THR B 292 -17.39 -10.34 -7.09
C THR B 292 -18.47 -9.66 -6.25
N ASN B 293 -18.79 -8.40 -6.53
CA ASN B 293 -19.87 -7.74 -5.80
C ASN B 293 -21.22 -8.37 -6.12
N LEU B 294 -21.50 -8.73 -7.38
CA LEU B 294 -22.69 -9.52 -7.69
C LEU B 294 -22.69 -10.86 -6.96
N ALA B 295 -21.54 -11.55 -6.84
CA ALA B 295 -21.48 -12.78 -6.05
C ALA B 295 -21.92 -12.55 -4.59
N TYR B 296 -21.50 -11.46 -3.96
CA TYR B 296 -22.02 -11.10 -2.64
C TYR B 296 -23.52 -10.75 -2.70
N PHE B 297 -23.93 -9.80 -3.53
CA PHE B 297 -25.32 -9.35 -3.51
C PHE B 297 -26.37 -10.41 -3.90
N THR B 298 -25.96 -11.47 -4.63
CA THR B 298 -26.84 -12.59 -4.95
C THR B 298 -26.84 -13.66 -3.86
N THR B 299 -26.08 -13.44 -2.75
CA THR B 299 -26.00 -14.39 -1.64
C THR B 299 -26.32 -13.78 -0.28
N LEU B 300 -26.03 -12.48 -0.06
CA LEU B 300 -26.09 -11.82 1.23
C LEU B 300 -27.02 -10.59 1.22
N SER B 301 -27.64 -10.32 2.37
CA SER B 301 -28.45 -9.12 2.60
C SER B 301 -27.58 -7.91 2.90
N THR B 302 -28.03 -6.69 2.53
CA THR B 302 -27.39 -5.46 3.01
C THR B 302 -27.22 -5.46 4.54
N GLU B 303 -28.23 -5.92 5.28
CA GLU B 303 -28.18 -5.98 6.74
C GLU B 303 -27.13 -6.99 7.26
N GLN B 304 -26.64 -7.93 6.43
CA GLN B 304 -25.52 -8.79 6.75
C GLN B 304 -24.20 -8.12 6.37
N MET B 305 -24.08 -7.62 5.13
CA MET B 305 -22.81 -7.15 4.59
C MET B 305 -22.26 -5.93 5.33
N LEU B 306 -23.14 -5.11 5.96
CA LEU B 306 -22.68 -3.98 6.76
C LEU B 306 -22.23 -4.41 8.17
N SER B 307 -22.61 -5.62 8.62
CA SER B 307 -22.34 -6.09 9.97
C SER B 307 -20.98 -6.79 10.11
N SER B 308 -20.45 -7.35 9.01
CA SER B 308 -19.27 -8.21 9.02
C SER B 308 -18.02 -7.47 8.54
N GLU B 309 -16.95 -7.48 9.36
CA GLU B 309 -15.66 -6.93 9.00
C GLU B 309 -14.92 -7.77 7.93
N ALA B 310 -15.40 -8.96 7.56
CA ALA B 310 -14.74 -9.86 6.62
C ALA B 310 -15.74 -10.56 5.69
N VAL B 311 -16.36 -9.79 4.78
CA VAL B 311 -17.61 -10.19 4.11
C VAL B 311 -17.49 -11.50 3.33
N ALA B 312 -16.35 -11.76 2.72
CA ALA B 312 -16.16 -12.99 1.96
C ALA B 312 -16.17 -14.23 2.86
N VAL B 313 -15.90 -14.12 4.16
CA VAL B 313 -16.02 -15.26 5.06
C VAL B 313 -17.50 -15.54 5.32
N ASP B 314 -18.38 -14.52 5.42
CA ASP B 314 -19.83 -14.75 5.48
C ASP B 314 -20.33 -15.55 4.27
N PHE B 315 -19.97 -15.10 3.08
CA PHE B 315 -20.27 -15.76 1.81
C PHE B 315 -19.70 -17.18 1.78
N GLY B 316 -18.45 -17.38 2.19
CA GLY B 316 -17.84 -18.71 2.28
C GLY B 316 -18.52 -19.62 3.29
N ASN B 317 -18.97 -19.08 4.43
CA ASN B 317 -19.72 -19.83 5.43
C ASN B 317 -21.10 -20.27 4.92
N TYR B 318 -21.71 -19.51 4.00
CA TYR B 318 -23.00 -19.89 3.41
C TYR B 318 -22.85 -21.09 2.46
N HIS B 319 -21.96 -21.02 1.46
CA HIS B 319 -21.87 -22.00 0.37
C HIS B 319 -21.11 -23.28 0.71
N LEU B 320 -19.99 -23.22 1.44
CA LEU B 320 -18.95 -24.24 1.26
C LEU B 320 -19.07 -25.42 2.23
N GLY B 321 -19.52 -25.21 3.48
CA GLY B 321 -19.49 -26.27 4.50
C GLY B 321 -18.07 -26.60 5.02
N VAL B 322 -17.09 -26.77 4.11
CA VAL B 322 -15.65 -26.79 4.40
C VAL B 322 -15.06 -25.37 4.61
N MET B 323 -15.93 -24.37 4.83
CA MET B 323 -15.67 -22.93 4.80
C MET B 323 -14.31 -22.53 5.41
N SER B 324 -13.94 -23.06 6.60
CA SER B 324 -12.77 -22.60 7.36
C SER B 324 -11.46 -22.75 6.59
N TRP B 325 -11.36 -23.80 5.75
CA TRP B 325 -10.13 -24.13 5.04
C TRP B 325 -10.02 -23.49 3.64
N ILE B 326 -11.01 -22.67 3.24
CA ILE B 326 -11.04 -22.13 1.88
C ILE B 326 -10.92 -20.60 1.90
N ILE B 327 -12.03 -19.84 2.04
CA ILE B 327 -11.94 -18.40 1.80
C ILE B 327 -11.00 -17.73 2.82
N PRO B 328 -11.06 -18.03 4.13
CA PRO B 328 -10.11 -17.46 5.09
C PRO B 328 -8.66 -17.74 4.77
N VAL B 329 -8.34 -18.95 4.24
CA VAL B 329 -6.98 -19.33 3.91
C VAL B 329 -6.52 -18.62 2.65
N PHE B 330 -7.25 -18.76 1.53
CA PHE B 330 -6.83 -18.21 0.25
C PHE B 330 -6.82 -16.68 0.30
N VAL B 331 -7.80 -16.02 0.93
CA VAL B 331 -7.75 -14.56 1.06
C VAL B 331 -6.64 -14.14 2.03
N GLY B 332 -6.52 -14.83 3.15
CA GLY B 332 -5.42 -14.55 4.06
C GLY B 332 -4.08 -14.60 3.35
N LEU B 333 -3.78 -15.68 2.61
CA LEU B 333 -2.53 -15.80 1.90
C LEU B 333 -2.37 -14.67 0.89
N SER B 334 -3.43 -14.24 0.19
CA SER B 334 -3.29 -13.10 -0.73
C SER B 334 -2.83 -11.83 -0.02
N CYS B 335 -3.31 -11.57 1.20
CA CYS B 335 -2.93 -10.41 1.99
C CYS B 335 -1.53 -10.57 2.59
N PHE B 336 -1.14 -11.80 2.98
CA PHE B 336 0.23 -12.08 3.38
C PHE B 336 1.18 -11.82 2.21
N GLY B 337 0.77 -12.17 0.97
CA GLY B 337 1.49 -11.78 -0.23
C GLY B 337 1.54 -10.29 -0.47
N SER B 338 0.46 -9.54 -0.23
CA SER B 338 0.42 -8.10 -0.48
C SER B 338 1.21 -7.29 0.56
N VAL B 339 1.27 -7.72 1.81
CA VAL B 339 2.12 -7.08 2.81
C VAL B 339 3.58 -7.34 2.44
N ASN B 340 3.90 -8.58 2.10
CA ASN B 340 5.25 -8.94 1.66
C ASN B 340 5.71 -8.09 0.48
N GLY B 341 4.87 -7.95 -0.55
CA GLY B 341 5.17 -7.16 -1.74
C GLY B 341 5.46 -5.68 -1.46
N SER B 342 4.72 -5.08 -0.54
CA SER B 342 4.90 -3.68 -0.18
C SER B 342 6.18 -3.47 0.61
N LEU B 343 6.68 -4.48 1.33
CA LEU B 343 7.98 -4.38 2.00
C LEU B 343 9.10 -4.55 0.99
N PHE B 344 9.05 -5.63 0.20
CA PHE B 344 10.07 -5.99 -0.78
C PHE B 344 10.36 -4.87 -1.78
N THR B 345 9.31 -4.22 -2.28
CA THR B 345 9.44 -3.15 -3.27
C THR B 345 9.69 -1.76 -2.67
N SER B 346 9.85 -1.61 -1.34
CA SER B 346 10.00 -0.31 -0.68
C SER B 346 11.38 0.33 -0.85
N SER B 347 12.44 -0.49 -0.86
CA SER B 347 13.85 -0.07 -0.81
C SER B 347 14.18 0.95 -1.89
N ARG B 348 13.57 0.80 -3.08
CA ARG B 348 13.78 1.62 -4.25
C ARG B 348 13.68 3.11 -3.89
N LEU B 349 12.67 3.48 -3.09
CA LEU B 349 12.42 4.88 -2.73
C LEU B 349 13.47 5.43 -1.77
N PHE B 350 13.96 4.61 -0.86
CA PHE B 350 15.03 5.02 0.05
C PHE B 350 16.35 5.21 -0.70
N PHE B 351 16.73 4.25 -1.56
CA PHE B 351 17.95 4.37 -2.34
C PHE B 351 17.91 5.66 -3.15
N VAL B 352 16.85 5.86 -3.96
CA VAL B 352 16.69 7.05 -4.79
C VAL B 352 16.67 8.33 -3.92
N GLY B 353 15.88 8.38 -2.86
CA GLY B 353 15.77 9.56 -2.02
C GLY B 353 17.05 9.95 -1.29
N SER B 354 17.93 8.99 -1.00
CA SER B 354 19.24 9.27 -0.40
C SER B 354 20.30 9.58 -1.47
N ARG B 355 20.25 8.91 -2.63
CA ARG B 355 21.13 9.20 -3.76
C ARG B 355 20.95 10.66 -4.23
N GLU B 356 19.69 11.12 -4.35
CA GLU B 356 19.38 12.51 -4.71
C GLU B 356 19.43 13.47 -3.51
N GLY B 357 19.84 13.00 -2.33
CA GLY B 357 20.34 13.84 -1.25
C GLY B 357 19.28 14.41 -0.30
N HIS B 358 18.00 14.04 -0.47
CA HIS B 358 16.92 14.44 0.42
C HIS B 358 16.87 13.61 1.72
N LEU B 359 17.31 12.34 1.69
CA LEU B 359 17.05 11.41 2.77
C LEU B 359 18.33 10.95 3.48
N PRO B 360 18.37 10.87 4.85
CA PRO B 360 19.54 10.46 5.66
C PRO B 360 20.35 9.26 5.18
N SER B 361 21.69 9.41 5.25
CA SER B 361 22.64 8.51 4.61
C SER B 361 22.53 7.07 5.12
N ILE B 362 22.20 6.89 6.41
CA ILE B 362 22.00 5.55 6.98
C ILE B 362 20.88 4.77 6.28
N LEU B 363 19.80 5.41 5.82
CA LEU B 363 18.68 4.67 5.23
C LEU B 363 19.04 4.12 3.84
N SER B 364 20.18 4.50 3.25
CA SER B 364 20.67 3.89 2.02
C SER B 364 21.28 2.52 2.23
N MET B 365 21.69 2.20 3.46
CA MET B 365 22.71 1.18 3.67
C MET B 365 22.14 -0.23 3.61
N ILE B 366 23.08 -1.18 3.48
CA ILE B 366 22.77 -2.59 3.28
C ILE B 366 23.61 -3.44 4.23
N HIS B 367 23.10 -4.60 4.66
CA HIS B 367 23.84 -5.55 5.46
C HIS B 367 24.67 -6.46 4.55
N PRO B 368 26.02 -6.32 4.50
CA PRO B 368 26.82 -6.85 3.39
C PRO B 368 26.92 -8.36 3.24
N GLN B 369 26.66 -9.16 4.30
CA GLN B 369 26.61 -10.62 4.19
C GLN B 369 25.34 -11.13 3.50
N LEU B 370 24.23 -10.35 3.53
CA LEU B 370 22.92 -10.80 3.03
C LEU B 370 22.37 -9.94 1.88
N LEU B 371 22.95 -8.74 1.67
CA LEU B 371 22.61 -7.77 0.62
C LEU B 371 21.16 -7.26 0.78
N THR B 372 20.64 -7.24 2.02
CA THR B 372 19.29 -6.77 2.34
C THR B 372 19.31 -5.42 3.05
N PRO B 373 18.39 -4.48 2.73
CA PRO B 373 18.54 -3.07 3.08
C PRO B 373 18.03 -2.70 4.47
N VAL B 374 18.59 -3.40 5.48
CA VAL B 374 18.10 -3.42 6.85
C VAL B 374 17.57 -2.11 7.46
N PRO B 375 18.25 -0.97 7.51
CA PRO B 375 17.67 0.22 8.11
C PRO B 375 16.42 0.76 7.40
N SER B 376 16.25 0.55 6.07
CA SER B 376 15.09 1.02 5.36
C SER B 376 13.87 0.16 5.70
N LEU B 377 14.06 -1.18 5.83
CA LEU B 377 13.00 -2.09 6.25
C LEU B 377 12.58 -1.74 7.67
N VAL B 378 13.51 -1.66 8.61
CA VAL B 378 13.15 -1.32 9.96
C VAL B 378 12.43 0.02 10.08
N PHE B 379 12.74 1.05 9.30
CA PHE B 379 11.98 2.29 9.33
C PHE B 379 10.61 2.09 8.71
N THR B 380 10.52 1.41 7.57
CA THR B 380 9.22 1.12 6.93
C THR B 380 8.28 0.43 7.92
N CYS B 381 8.81 -0.62 8.54
CA CYS B 381 8.11 -1.42 9.51
C CYS B 381 7.59 -0.62 10.70
N VAL B 382 8.41 0.11 11.37
CA VAL B 382 7.98 0.86 12.53
C VAL B 382 6.98 1.94 12.14
N MET B 383 7.03 2.52 10.94
CA MET B 383 5.95 3.44 10.57
C MET B 383 4.64 2.68 10.38
N THR B 384 4.64 1.55 9.67
CA THR B 384 3.44 0.71 9.57
C THR B 384 2.87 0.35 10.95
N LEU B 385 3.70 -0.03 11.93
CA LEU B 385 3.21 -0.47 13.24
C LEU B 385 2.63 0.64 14.07
N LEU B 386 2.88 1.91 13.77
CA LEU B 386 2.25 2.97 14.54
C LEU B 386 0.79 3.17 14.14
N TYR B 387 0.37 2.72 12.95
CA TYR B 387 -1.03 2.86 12.56
C TYR B 387 -1.94 1.95 13.37
N ALA B 388 -1.40 1.02 14.16
CA ALA B 388 -2.14 0.33 15.21
C ALA B 388 -2.79 1.26 16.23
N PHE B 389 -2.36 2.52 16.33
CA PHE B 389 -3.05 3.50 17.16
C PHE B 389 -4.33 4.08 16.53
N SER B 390 -4.63 3.80 15.25
CA SER B 390 -5.83 4.29 14.60
C SER B 390 -7.09 3.59 15.12
N LYS B 391 -8.29 4.14 14.90
CA LYS B 391 -9.54 3.59 15.45
C LYS B 391 -10.12 2.44 14.58
N ASP B 392 -10.24 2.63 13.26
CA ASP B 392 -11.08 1.79 12.42
C ASP B 392 -10.52 1.68 11.00
N ILE B 393 -10.64 0.50 10.35
CA ILE B 393 -10.06 0.30 9.00
C ILE B 393 -10.54 1.29 7.92
N PHE B 394 -11.82 1.63 7.89
CA PHE B 394 -12.31 2.61 6.93
C PHE B 394 -11.93 4.03 7.34
N SER B 395 -11.48 4.27 8.59
CA SER B 395 -10.91 5.57 8.95
C SER B 395 -9.60 5.71 8.20
N VAL B 396 -8.77 4.67 8.28
CA VAL B 396 -7.46 4.67 7.64
C VAL B 396 -7.59 4.66 6.11
N ILE B 397 -8.59 4.00 5.53
CA ILE B 397 -8.75 4.04 4.08
C ILE B 397 -9.08 5.48 3.66
N ASN B 398 -9.89 6.21 4.40
CA ASN B 398 -10.20 7.59 4.08
C ASN B 398 -8.92 8.42 4.14
N PHE B 399 -8.16 8.24 5.21
CA PHE B 399 -6.90 8.96 5.39
C PHE B 399 -5.90 8.70 4.27
N PHE B 400 -5.58 7.42 4.02
CA PHE B 400 -4.76 7.04 2.87
C PHE B 400 -5.27 7.71 1.58
N SER B 401 -6.60 7.61 1.30
CA SER B 401 -7.15 8.06 0.03
C SER B 401 -6.97 9.55 -0.18
N PHE B 402 -7.22 10.35 0.85
CA PHE B 402 -7.03 11.79 0.74
C PHE B 402 -5.61 12.13 0.24
N PHE B 403 -4.60 11.67 0.96
CA PHE B 403 -3.23 12.00 0.58
C PHE B 403 -2.77 11.30 -0.70
N ASN B 404 -3.21 10.07 -0.99
CA ASN B 404 -2.89 9.41 -2.24
C ASN B 404 -3.40 10.22 -3.43
N TRP B 405 -4.68 10.63 -3.41
CA TRP B 405 -5.24 11.37 -4.55
C TRP B 405 -4.71 12.81 -4.61
N LEU B 406 -4.38 13.41 -3.45
CA LEU B 406 -3.75 14.72 -3.42
C LEU B 406 -2.35 14.65 -4.03
N CYS B 407 -1.58 13.58 -3.80
CA CYS B 407 -0.33 13.36 -4.53
C CYS B 407 -0.50 13.16 -6.03
N VAL B 408 -1.49 12.37 -6.45
CA VAL B 408 -1.75 12.20 -7.88
C VAL B 408 -2.20 13.53 -8.51
N ALA B 409 -2.95 14.37 -7.79
CA ALA B 409 -3.27 15.71 -8.26
C ALA B 409 -2.00 16.52 -8.58
N LEU B 410 -1.05 16.63 -7.63
CA LEU B 410 0.20 17.32 -7.85
C LEU B 410 0.99 16.77 -9.05
N ALA B 411 0.94 15.46 -9.29
CA ALA B 411 1.60 14.85 -10.43
C ALA B 411 0.94 15.26 -11.76
N ILE B 412 -0.39 15.14 -11.90
CA ILE B 412 -1.04 15.39 -13.18
C ILE B 412 -1.17 16.89 -13.45
N ILE B 413 -1.40 17.74 -12.44
CA ILE B 413 -1.21 19.19 -12.58
C ILE B 413 0.18 19.47 -13.16
N GLY B 414 1.20 18.86 -12.54
CA GLY B 414 2.58 18.96 -12.96
C GLY B 414 2.78 18.60 -14.44
N MET B 415 2.14 17.54 -14.92
CA MET B 415 2.29 17.12 -16.30
C MET B 415 1.78 18.18 -17.29
N ILE B 416 0.65 18.84 -16.99
CA ILE B 416 0.11 19.89 -17.84
C ILE B 416 0.98 21.16 -17.77
N TRP B 417 1.38 21.57 -16.55
CA TRP B 417 2.31 22.68 -16.37
C TRP B 417 3.64 22.44 -17.11
N LEU B 418 4.14 21.18 -17.14
CA LEU B 418 5.33 20.82 -17.90
C LEU B 418 5.08 20.82 -19.42
N ARG B 419 3.92 20.35 -19.91
CA ARG B 419 3.58 20.42 -21.33
C ARG B 419 3.51 21.88 -21.82
N HIS B 420 3.04 22.81 -20.96
CA HIS B 420 3.09 24.24 -21.20
C HIS B 420 4.52 24.80 -21.18
N ARG B 421 5.28 24.53 -20.10
CA ARG B 421 6.59 25.15 -19.83
C ARG B 421 7.71 24.64 -20.75
N LYS B 422 7.71 23.35 -21.12
CA LYS B 422 8.72 22.74 -21.99
C LYS B 422 8.02 21.95 -23.11
N PRO B 423 7.51 22.62 -24.17
CA PRO B 423 6.77 21.94 -25.23
C PRO B 423 7.68 21.03 -26.06
N GLU B 424 7.04 19.96 -26.59
CA GLU B 424 7.62 18.99 -27.53
C GLU B 424 8.92 18.35 -26.99
N LEU B 425 8.93 18.00 -25.69
CA LEU B 425 10.07 17.35 -25.03
C LEU B 425 10.12 15.84 -25.35
N GLU B 426 10.17 15.51 -26.66
CA GLU B 426 10.44 14.19 -27.23
C GLU B 426 9.52 13.06 -26.70
N ARG B 427 8.23 13.37 -26.44
CA ARG B 427 7.31 12.48 -25.73
C ARG B 427 6.95 11.23 -26.54
N PRO B 428 7.30 9.99 -26.11
CA PRO B 428 6.90 8.76 -26.82
C PRO B 428 5.38 8.51 -26.81
N ILE B 429 4.70 9.02 -25.76
CA ILE B 429 3.24 9.01 -25.64
C ILE B 429 2.78 10.45 -25.35
N LYS B 430 1.70 10.90 -26.01
CA LYS B 430 1.12 12.22 -25.81
C LYS B 430 -0.41 12.12 -25.85
N VAL B 431 -1.04 12.06 -24.66
CA VAL B 431 -2.49 11.91 -24.54
C VAL B 431 -3.19 13.24 -24.87
N ASN B 432 -4.44 13.14 -25.34
CA ASN B 432 -5.32 14.28 -25.56
C ASN B 432 -5.50 15.07 -24.25
N LEU B 433 -5.34 16.41 -24.30
CA LEU B 433 -5.49 17.28 -23.13
C LEU B 433 -6.86 17.13 -22.48
N ALA B 434 -7.90 16.74 -23.25
CA ALA B 434 -9.26 16.50 -22.76
C ALA B 434 -9.35 15.45 -21.63
N LEU B 435 -8.35 14.57 -21.46
CA LEU B 435 -8.35 13.59 -20.38
C LEU B 435 -7.87 14.24 -19.06
N PRO B 436 -6.60 14.69 -18.90
CA PRO B 436 -6.18 15.45 -17.71
C PRO B 436 -7.10 16.60 -17.27
N VAL B 437 -7.71 17.39 -18.16
CA VAL B 437 -8.54 18.51 -17.71
C VAL B 437 -9.88 18.06 -17.07
N PHE B 438 -10.32 16.82 -17.29
CA PHE B 438 -11.36 16.21 -16.47
C PHE B 438 -10.76 15.59 -15.21
N PHE B 439 -9.67 14.84 -15.36
CA PHE B 439 -9.06 14.07 -14.28
C PHE B 439 -8.53 14.94 -13.12
N ILE B 440 -7.82 16.04 -13.40
CA ILE B 440 -7.36 16.97 -12.36
C ILE B 440 -8.56 17.49 -11.57
N LEU B 441 -9.66 17.86 -12.26
CA LEU B 441 -10.87 18.31 -11.59
C LEU B 441 -11.51 17.19 -10.76
N ALA B 442 -11.41 15.93 -11.19
CA ALA B 442 -11.89 14.79 -10.42
C ALA B 442 -11.05 14.58 -9.14
N CYS B 443 -9.72 14.70 -9.20
CA CYS B 443 -8.88 14.70 -8.00
C CYS B 443 -9.27 15.85 -7.05
N LEU B 444 -9.44 17.05 -7.59
CA LEU B 444 -9.85 18.20 -6.79
C LEU B 444 -11.23 17.99 -6.19
N PHE B 445 -12.18 17.39 -6.92
CA PHE B 445 -13.53 17.12 -6.42
C PHE B 445 -13.48 16.25 -5.16
N LEU B 446 -12.78 15.12 -5.23
CA LEU B 446 -12.61 14.21 -4.08
C LEU B 446 -12.01 14.93 -2.87
N ILE B 447 -10.92 15.66 -3.06
CA ILE B 447 -10.24 16.39 -1.99
C ILE B 447 -11.17 17.47 -1.41
N ALA B 448 -11.78 18.29 -2.27
CA ALA B 448 -12.56 19.46 -1.86
C ALA B 448 -13.77 19.06 -1.01
N VAL B 449 -14.47 17.97 -1.37
CA VAL B 449 -15.54 17.44 -0.54
C VAL B 449 -14.99 16.94 0.79
N SER B 450 -13.88 16.21 0.73
CA SER B 450 -13.32 15.51 1.89
C SER B 450 -12.80 16.45 2.99
N PHE B 451 -12.36 17.66 2.66
CA PHE B 451 -11.99 18.66 3.66
C PHE B 451 -13.07 18.87 4.73
N TRP B 452 -14.36 18.85 4.33
CA TRP B 452 -15.50 19.09 5.22
C TRP B 452 -16.27 17.80 5.56
N LYS B 453 -16.24 16.76 4.70
CA LYS B 453 -16.87 15.48 5.05
C LYS B 453 -16.06 14.70 6.09
N THR B 454 -14.72 14.81 6.06
CA THR B 454 -13.81 14.11 6.99
C THR B 454 -12.70 15.04 7.46
N PRO B 455 -13.00 16.09 8.28
CA PRO B 455 -12.00 17.08 8.64
C PRO B 455 -10.84 16.58 9.51
N VAL B 456 -11.11 15.73 10.52
CA VAL B 456 -10.13 15.44 11.56
C VAL B 456 -8.95 14.61 11.03
N GLU B 457 -9.22 13.68 10.10
CA GLU B 457 -8.18 12.89 9.43
C GLU B 457 -7.28 13.80 8.58
N CYS B 458 -7.85 14.72 7.80
CA CYS B 458 -7.05 15.70 7.08
C CYS B 458 -6.24 16.60 8.03
N GLY B 459 -6.79 16.99 9.17
CA GLY B 459 -6.08 17.82 10.13
C GLY B 459 -4.80 17.17 10.66
N ILE B 460 -4.88 15.90 11.11
CA ILE B 460 -3.69 15.21 11.59
C ILE B 460 -2.72 14.92 10.42
N GLY B 461 -3.22 14.66 9.22
CA GLY B 461 -2.37 14.52 8.06
C GLY B 461 -1.64 15.80 7.65
N PHE B 462 -2.32 16.95 7.55
CA PHE B 462 -1.64 18.22 7.31
C PHE B 462 -0.71 18.57 8.46
N THR B 463 -0.96 18.14 9.71
CA THR B 463 0.00 18.27 10.80
C THR B 463 1.29 17.49 10.52
N ILE B 464 1.20 16.28 9.95
CA ILE B 464 2.37 15.54 9.45
C ILE B 464 3.10 16.31 8.34
N ILE B 465 2.38 16.84 7.33
CA ILE B 465 2.98 17.57 6.23
C ILE B 465 3.73 18.80 6.76
N LEU B 466 3.09 19.64 7.59
CA LEU B 466 3.72 20.84 8.12
C LEU B 466 4.91 20.49 9.02
N SER B 467 4.88 19.36 9.74
CA SER B 467 6.06 18.85 10.47
C SER B 467 7.22 18.43 9.57
N GLY B 468 7.03 18.35 8.25
CA GLY B 468 8.11 18.16 7.30
C GLY B 468 8.96 19.40 7.00
N LEU B 469 8.43 20.61 7.24
CA LEU B 469 9.15 21.84 6.91
C LEU B 469 10.38 21.98 7.81
N PRO B 470 10.31 21.82 9.17
CA PRO B 470 11.51 21.76 10.02
C PRO B 470 12.61 20.83 9.51
N VAL B 471 12.29 19.57 9.26
CA VAL B 471 13.31 18.60 8.82
C VAL B 471 13.81 18.86 7.40
N TYR B 472 13.02 19.52 6.53
CA TYR B 472 13.56 19.98 5.25
C TYR B 472 14.63 21.06 5.45
N PHE B 473 14.33 22.10 6.27
CA PHE B 473 15.30 23.16 6.51
C PHE B 473 16.55 22.62 7.21
N PHE B 474 16.37 21.97 8.37
CA PHE B 474 17.48 21.40 9.15
C PHE B 474 18.28 20.34 8.38
N GLY B 475 17.61 19.50 7.58
CA GLY B 475 18.25 18.36 6.96
C GLY B 475 18.78 18.58 5.53
N VAL B 476 18.28 19.58 4.80
CA VAL B 476 18.56 19.73 3.37
C VAL B 476 18.91 21.18 2.98
N TRP B 477 18.07 22.17 3.33
CA TRP B 477 18.16 23.50 2.72
C TRP B 477 19.08 24.48 3.49
N TRP B 478 19.01 24.48 4.83
CA TRP B 478 19.81 25.40 5.66
C TRP B 478 21.24 24.88 5.83
N LYS B 479 21.45 23.55 5.77
CA LYS B 479 22.76 22.90 5.80
C LYS B 479 23.59 23.35 7.01
N ASN B 480 22.99 23.25 8.20
CA ASN B 480 23.52 23.86 9.42
C ASN B 480 25.00 23.49 9.65
N LYS B 481 25.85 24.53 9.66
CA LYS B 481 27.30 24.45 9.60
C LYS B 481 28.03 23.95 10.87
N PRO B 482 27.52 24.09 12.13
CA PRO B 482 28.30 23.73 13.32
C PRO B 482 28.94 22.34 13.34
N LYS B 483 30.25 22.32 13.65
CA LYS B 483 31.05 21.10 13.60
C LYS B 483 30.62 20.11 14.70
N TRP B 484 30.19 20.59 15.88
CA TRP B 484 29.64 19.74 16.93
C TRP B 484 28.35 19.03 16.46
N LEU B 485 27.50 19.71 15.67
CA LEU B 485 26.27 19.13 15.13
C LEU B 485 26.62 18.03 14.13
N LEU B 486 27.52 18.32 13.19
CA LEU B 486 27.95 17.35 12.19
C LEU B 486 28.62 16.12 12.84
N GLN B 487 29.48 16.29 13.86
CA GLN B 487 30.05 15.15 14.60
C GLN B 487 28.99 14.38 15.38
N GLY B 488 27.93 15.04 15.89
CA GLY B 488 26.80 14.36 16.52
C GLY B 488 26.00 13.50 15.53
N ILE B 489 25.69 14.06 14.35
CA ILE B 489 25.05 13.37 13.24
C ILE B 489 25.89 12.15 12.84
N PHE B 490 27.21 12.35 12.65
CA PHE B 490 28.12 11.26 12.31
C PHE B 490 28.12 10.17 13.39
N SER B 491 28.25 10.57 14.66
CA SER B 491 28.24 9.62 15.79
C SER B 491 26.94 8.80 15.83
N THR B 492 25.79 9.45 15.64
CA THR B 492 24.49 8.80 15.56
C THR B 492 24.46 7.79 14.41
N THR B 493 24.99 8.20 13.25
CA THR B 493 25.06 7.34 12.06
C THR B 493 25.93 6.10 12.32
N VAL B 494 27.19 6.26 12.78
CA VAL B 494 28.07 5.11 12.97
C VAL B 494 27.56 4.20 14.08
N LEU B 495 26.88 4.73 15.11
CA LEU B 495 26.21 3.90 16.09
C LEU B 495 25.25 2.93 15.39
N CYS B 496 24.36 3.44 14.53
CA CYS B 496 23.43 2.61 13.77
C CYS B 496 24.17 1.63 12.87
N GLN B 497 25.24 2.08 12.18
CA GLN B 497 26.01 1.20 11.32
C GLN B 497 26.59 0.03 12.11
N LYS B 498 27.18 0.29 13.29
CA LYS B 498 27.77 -0.75 14.13
C LYS B 498 26.70 -1.65 14.74
N LEU B 499 25.54 -1.08 15.13
CA LEU B 499 24.46 -1.80 15.80
C LEU B 499 23.59 -2.62 14.83
N MET B 500 23.62 -2.34 13.51
CA MET B 500 22.96 -3.18 12.51
C MET B 500 23.93 -3.91 11.57
N GLN B 501 25.24 -3.60 11.61
CA GLN B 501 26.27 -4.08 10.68
C GLN B 501 25.86 -3.75 9.23
N VAL B 502 25.86 -2.45 8.88
CA VAL B 502 25.46 -2.00 7.54
C VAL B 502 26.43 -0.99 6.92
N VAL B 503 26.50 -1.03 5.58
CA VAL B 503 27.50 -0.36 4.76
C VAL B 503 26.82 0.30 3.55
N PRO B 504 27.41 1.37 2.98
CA PRO B 504 26.91 1.94 1.71
C PRO B 504 26.86 0.98 0.52
N GLN B 505 25.92 1.24 -0.39
CA GLN B 505 25.83 0.56 -1.69
C GLN B 505 26.91 1.10 -2.64
N GLU B 506 27.24 0.32 -3.69
CA GLU B 506 28.19 0.76 -4.72
C GLU B 506 27.63 1.97 -5.50
N THR B 507 28.31 3.14 -5.38
CA THR B 507 27.87 4.38 -6.03
C THR B 507 28.02 4.27 -7.56
#